data_4UTI
#
_entry.id   4UTI
#
_cell.length_a   57.870
_cell.length_b   83.397
_cell.length_c   156.366
_cell.angle_alpha   90.00
_cell.angle_beta   90.00
_cell.angle_gamma   90.00
#
_symmetry.space_group_name_H-M   'I 2 2 2'
#
loop_
_entity.id
_entity.type
_entity.pdbx_description
1 polymer 'NADH:flavin oxidoreductase'
2 non-polymer 'FLAVIN MONONUCLEOTIDE'
3 non-polymer COUMARIN
4 non-polymer 'SULFATE ION'
5 water water
#
_entity_poly.entity_id   1
_entity_poly.type   'polypeptide(L)'
_entity_poly.pdbx_seq_one_letter_code
;GHMSALFEPYTLKDVTLRNRIAIPPMCQYMAEDGMINDWHHVHLAGLARGGAGLLVVEATAVAPEGRITPGCAGIWSDAH
AQAFVPVVQAIKAAGSVPGIQIAHAGRKASANRPWEGDDHIAADDTRGWETIAPSAIAFGAHLPKVPREMTLDDIARVKQ
DFVDAARRARDAGFEWIELHFAHGFLGQSFFSEHSNKRTDAYGGSFDNRSRFLLETLAAVREVWPENLPLTARFGVLEYD
GRDEQTLEESIELARRFKAGGLDLLSVSVGFTIPDTNIPWGPAFMGPIAERVRREAKLPVTSAWGFGTPQLAEAALQANQ
LDLVSVGRAHLADPHWAYFAAKELGVEKASWTLPAPYAHWLERYR
;
_entity_poly.pdbx_strand_id   A
#
loop_
_chem_comp.id
_chem_comp.type
_chem_comp.name
_chem_comp.formula
COU non-polymer COUMARIN 'C9 H6 O2'
FMN non-polymer 'FLAVIN MONONUCLEOTIDE' 'C17 H21 N4 O9 P'
SO4 non-polymer 'SULFATE ION' 'O4 S -2'
#
# COMPACT_ATOMS: atom_id res chain seq x y z
N SER A 4 2.87 22.95 -14.01
CA SER A 4 3.61 21.96 -13.24
CA SER A 4 3.56 21.98 -13.17
C SER A 4 3.04 20.58 -13.46
N ALA A 5 3.93 19.61 -13.62
CA ALA A 5 3.51 18.22 -13.79
C ALA A 5 2.80 17.70 -12.54
N LEU A 6 3.24 18.12 -11.35
CA LEU A 6 2.66 17.65 -10.11
C LEU A 6 1.18 17.99 -9.98
N PHE A 7 0.76 19.09 -10.63
CA PHE A 7 -0.61 19.55 -10.53
C PHE A 7 -1.46 19.29 -11.77
N GLU A 8 -0.98 18.40 -12.63
N GLU A 8 -0.98 18.41 -12.63
CA GLU A 8 -1.79 17.93 -13.74
CA GLU A 8 -1.78 17.93 -13.74
C GLU A 8 -2.72 16.80 -13.28
C GLU A 8 -2.73 16.83 -13.25
N PRO A 9 -3.99 16.83 -13.71
CA PRO A 9 -4.87 15.72 -13.33
CA PRO A 9 -4.87 15.72 -13.33
C PRO A 9 -4.42 14.39 -13.94
N TYR A 10 -4.98 13.31 -13.41
CA TYR A 10 -4.66 11.97 -13.85
C TYR A 10 -5.93 11.15 -13.90
N THR A 11 -6.18 10.49 -15.02
CA THR A 11 -7.35 9.63 -15.15
C THR A 11 -6.92 8.18 -15.30
N LEU A 12 -7.53 7.33 -14.49
CA LEU A 12 -7.30 5.89 -14.54
C LEU A 12 -8.66 5.25 -14.43
N LYS A 13 -9.01 4.41 -15.42
CA LYS A 13 -10.36 3.89 -15.54
CA LYS A 13 -10.36 3.90 -15.54
C LYS A 13 -11.33 5.08 -15.46
N ASP A 14 -12.38 5.00 -14.64
CA ASP A 14 -13.35 6.10 -14.59
C ASP A 14 -13.04 7.17 -13.55
N VAL A 15 -11.88 7.09 -12.93
CA VAL A 15 -11.53 7.96 -11.82
C VAL A 15 -10.54 9.01 -12.27
N THR A 16 -10.82 10.27 -11.95
CA THR A 16 -9.92 11.38 -12.23
C THR A 16 -9.43 12.00 -10.92
N LEU A 17 -8.11 12.01 -10.76
CA LEU A 17 -7.45 12.66 -9.64
CA LEU A 17 -7.44 12.66 -9.65
C LEU A 17 -7.14 14.10 -10.05
N ARG A 18 -7.36 15.05 -9.14
CA ARG A 18 -7.16 16.46 -9.49
C ARG A 18 -5.69 16.85 -9.65
N ASN A 19 -4.77 16.03 -9.15
CA ASN A 19 -3.33 16.28 -9.31
C ASN A 19 -2.63 14.94 -9.15
N ARG A 20 -1.29 14.96 -9.19
CA ARG A 20 -0.49 13.74 -9.12
C ARG A 20 0.04 13.44 -7.73
N ILE A 21 -0.50 14.13 -6.73
CA ILE A 21 -0.10 13.88 -5.34
C ILE A 21 -0.97 12.80 -4.75
N ALA A 22 -0.34 11.70 -4.37
CA ALA A 22 -1.01 10.63 -3.65
C ALA A 22 -0.49 10.57 -2.23
N ILE A 23 -1.41 10.41 -1.29
CA ILE A 23 -1.04 10.14 0.08
C ILE A 23 -1.07 8.62 0.26
N PRO A 24 0.09 7.99 0.46
CA PRO A 24 0.15 6.54 0.55
C PRO A 24 -0.43 6.09 1.87
N PRO A 25 -0.75 4.79 1.96
CA PRO A 25 -1.26 4.25 3.21
C PRO A 25 -0.27 4.50 4.35
N MET A 26 -0.79 4.98 5.47
CA MET A 26 0.02 5.18 6.68
C MET A 26 -0.75 4.74 7.92
N CYS A 27 -0.39 3.58 8.43
CA CYS A 27 -0.94 3.08 9.68
C CYS A 27 -0.92 4.13 10.78
N GLN A 28 -2.03 4.19 11.51
CA GLN A 28 -2.19 5.11 12.62
C GLN A 28 -2.18 4.43 13.98
N TYR A 29 -2.42 3.11 14.02
CA TYR A 29 -2.34 2.35 15.24
C TYR A 29 -3.35 2.82 16.30
N MET A 30 -4.49 3.34 15.84
CA MET A 30 -5.50 3.95 16.72
C MET A 30 -6.86 3.24 16.70
N ALA A 31 -6.97 2.13 15.96
CA ALA A 31 -8.22 1.37 15.91
C ALA A 31 -8.34 0.44 17.10
N GLU A 32 -9.57 0.01 17.39
CA GLU A 32 -9.83 -0.87 18.52
C GLU A 32 -10.58 -2.07 17.98
N ASP A 33 -9.99 -3.27 18.11
CA ASP A 33 -10.56 -4.48 17.54
CA ASP A 33 -10.55 -4.49 17.53
C ASP A 33 -10.90 -4.26 16.06
N GLY A 34 -10.01 -3.56 15.36
CA GLY A 34 -10.15 -3.26 13.94
C GLY A 34 -11.06 -2.09 13.59
N MET A 35 -11.84 -1.61 14.55
CA MET A 35 -12.80 -0.55 14.27
CA MET A 35 -12.80 -0.55 14.31
C MET A 35 -12.14 0.81 14.31
N ILE A 36 -12.28 1.53 13.21
CA ILE A 36 -11.77 2.90 13.17
C ILE A 36 -12.69 3.83 13.98
N ASN A 37 -12.24 5.05 14.20
CA ASN A 37 -12.95 5.95 15.09
C ASN A 37 -12.66 7.40 14.69
N ASP A 38 -12.96 8.36 15.56
CA ASP A 38 -12.78 9.75 15.20
C ASP A 38 -11.32 10.13 15.03
N TRP A 39 -10.36 9.34 15.52
CA TRP A 39 -8.97 9.60 15.14
C TRP A 39 -8.89 9.60 13.63
N HIS A 40 -9.31 8.49 13.04
CA HIS A 40 -9.20 8.29 11.60
C HIS A 40 -10.06 9.25 10.82
N HIS A 41 -11.27 9.52 11.30
CA HIS A 41 -12.16 10.40 10.58
C HIS A 41 -11.51 11.78 10.36
N VAL A 42 -11.04 12.37 11.46
CA VAL A 42 -10.46 13.70 11.39
C VAL A 42 -9.13 13.70 10.63
N HIS A 43 -8.31 12.70 10.89
CA HIS A 43 -7.02 12.56 10.19
C HIS A 43 -7.21 12.53 8.68
N LEU A 44 -8.11 11.66 8.24
CA LEU A 44 -8.30 11.45 6.81
C LEU A 44 -9.05 12.60 6.14
N ALA A 45 -10.10 13.10 6.78
CA ALA A 45 -10.82 14.22 6.21
C ALA A 45 -9.91 15.46 6.12
N GLY A 46 -9.07 15.67 7.14
CA GLY A 46 -8.16 16.80 7.13
C GLY A 46 -7.15 16.68 5.99
N LEU A 47 -6.62 15.48 5.77
CA LEU A 47 -5.71 15.26 4.66
C LEU A 47 -6.39 15.50 3.33
N ALA A 48 -7.61 15.02 3.17
CA ALA A 48 -8.31 15.20 1.90
C ALA A 48 -8.48 16.69 1.59
N ARG A 49 -8.80 17.49 2.62
CA ARG A 49 -8.97 18.92 2.44
C ARG A 49 -7.66 19.65 2.11
N GLY A 50 -6.53 19.03 2.40
CA GLY A 50 -5.23 19.62 2.14
C GLY A 50 -4.85 19.70 0.67
N GLY A 51 -5.56 18.97 -0.19
CA GLY A 51 -5.44 19.14 -1.62
C GLY A 51 -4.94 17.96 -2.44
N ALA A 52 -4.45 16.90 -1.79
CA ALA A 52 -3.95 15.75 -2.54
C ALA A 52 -5.06 15.16 -3.40
N GLY A 53 -4.69 14.66 -4.57
CA GLY A 53 -5.65 14.08 -5.48
C GLY A 53 -6.16 12.71 -5.05
N LEU A 54 -5.34 11.95 -4.32
CA LEU A 54 -5.67 10.58 -3.92
C LEU A 54 -5.22 10.41 -2.49
N LEU A 55 -6.09 9.82 -1.68
CA LEU A 55 -5.79 9.50 -0.29
C LEU A 55 -6.07 8.02 -0.07
N VAL A 56 -5.00 7.25 0.15
CA VAL A 56 -5.14 5.81 0.37
C VAL A 56 -5.09 5.55 1.88
N VAL A 57 -6.19 5.01 2.39
CA VAL A 57 -6.29 4.60 3.78
C VAL A 57 -5.25 3.51 4.08
N GLU A 58 -4.69 3.61 5.28
CA GLU A 58 -3.73 2.68 5.87
C GLU A 58 -4.06 1.21 5.68
N ALA A 59 -3.01 0.38 5.75
CA ALA A 59 -3.16 -1.07 5.75
C ALA A 59 -4.30 -1.50 6.65
N THR A 60 -5.33 -2.09 6.03
CA THR A 60 -6.55 -2.46 6.72
C THR A 60 -6.69 -3.99 6.58
N ALA A 61 -6.69 -4.65 7.74
CA ALA A 61 -6.56 -6.10 7.77
C ALA A 61 -7.80 -6.81 7.25
N VAL A 62 -7.58 -7.82 6.42
CA VAL A 62 -8.68 -8.62 5.89
C VAL A 62 -9.15 -9.68 6.89
N ALA A 63 -8.42 -9.88 7.98
CA ALA A 63 -8.72 -10.88 8.98
C ALA A 63 -8.03 -10.44 10.27
N PRO A 64 -8.56 -10.81 11.44
CA PRO A 64 -8.00 -10.27 12.68
C PRO A 64 -6.51 -10.57 12.83
N GLU A 65 -6.09 -11.78 12.49
CA GLU A 65 -4.70 -12.20 12.65
C GLU A 65 -3.77 -11.55 11.62
N GLY A 66 -4.36 -10.87 10.63
CA GLY A 66 -3.59 -10.16 9.62
C GLY A 66 -3.34 -8.69 9.95
N ARG A 67 -3.82 -8.21 11.09
CA ARG A 67 -3.36 -6.92 11.60
C ARG A 67 -1.86 -6.98 11.90
N ILE A 68 -1.16 -5.85 11.75
CA ILE A 68 0.20 -5.78 12.26
C ILE A 68 0.18 -5.76 13.78
N THR A 69 -0.72 -4.95 14.34
CA THR A 69 -0.71 -4.64 15.76
C THR A 69 -2.15 -4.60 16.31
N PRO A 70 -2.30 -4.51 17.63
CA PRO A 70 -3.65 -4.35 18.22
C PRO A 70 -4.31 -3.04 17.87
N GLY A 71 -3.58 -2.08 17.31
CA GLY A 71 -4.18 -0.82 16.90
C GLY A 71 -4.55 -0.73 15.43
N CYS A 72 -4.35 -1.80 14.68
CA CYS A 72 -4.58 -1.73 13.24
C CYS A 72 -6.06 -1.76 12.87
N ALA A 73 -6.38 -1.04 11.80
CA ALA A 73 -7.71 -1.07 11.22
C ALA A 73 -7.98 -2.44 10.59
N GLY A 74 -9.27 -2.78 10.56
CA GLY A 74 -9.74 -4.00 9.93
C GLY A 74 -10.96 -3.78 9.09
N ILE A 75 -11.20 -4.73 8.19
CA ILE A 75 -12.40 -4.72 7.34
C ILE A 75 -12.93 -6.15 7.18
N TRP A 76 -12.80 -6.92 8.26
CA TRP A 76 -13.13 -8.35 8.23
C TRP A 76 -14.57 -8.68 8.58
N SER A 77 -15.39 -7.65 8.75
CA SER A 77 -16.83 -7.84 8.92
C SER A 77 -17.54 -6.64 8.31
N ASP A 78 -18.84 -6.80 8.09
CA ASP A 78 -19.59 -5.70 7.52
C ASP A 78 -19.64 -4.51 8.48
N ALA A 79 -19.67 -4.76 9.79
CA ALA A 79 -19.64 -3.65 10.74
C ALA A 79 -18.35 -2.85 10.63
N HIS A 80 -17.23 -3.54 10.42
CA HIS A 80 -15.96 -2.84 10.22
C HIS A 80 -16.02 -1.96 8.99
N ALA A 81 -16.61 -2.48 7.93
CA ALA A 81 -16.71 -1.76 6.66
C ALA A 81 -17.61 -0.53 6.79
N GLN A 82 -18.73 -0.70 7.51
N GLN A 82 -18.72 -0.67 7.50
CA GLN A 82 -19.69 0.39 7.75
CA GLN A 82 -19.65 0.43 7.61
C GLN A 82 -18.98 1.59 8.34
C GLN A 82 -19.03 1.60 8.41
N ALA A 83 -18.06 1.33 9.27
CA ALA A 83 -17.37 2.39 9.98
C ALA A 83 -16.61 3.32 9.03
N PHE A 84 -16.23 2.81 7.86
CA PHE A 84 -15.54 3.65 6.88
C PHE A 84 -16.46 4.57 6.10
N VAL A 85 -17.77 4.29 6.08
CA VAL A 85 -18.65 5.04 5.19
C VAL A 85 -18.60 6.57 5.43
N PRO A 86 -18.71 7.04 6.69
CA PRO A 86 -18.66 8.50 6.86
C PRO A 86 -17.32 9.11 6.47
N VAL A 87 -16.25 8.36 6.64
CA VAL A 87 -14.92 8.85 6.28
C VAL A 87 -14.79 8.95 4.77
N VAL A 88 -15.21 7.92 4.06
CA VAL A 88 -15.23 7.96 2.62
C VAL A 88 -16.02 9.17 2.12
N GLN A 89 -17.19 9.38 2.72
CA GLN A 89 -18.02 10.49 2.30
C GLN A 89 -17.33 11.84 2.56
N ALA A 90 -16.59 11.95 3.68
CA ALA A 90 -15.86 13.18 3.98
C ALA A 90 -14.70 13.41 3.00
N ILE A 91 -14.03 12.34 2.58
CA ILE A 91 -12.92 12.46 1.65
C ILE A 91 -13.47 12.95 0.29
N LYS A 92 -14.58 12.35 -0.16
CA LYS A 92 -15.23 12.78 -1.40
C LYS A 92 -15.71 14.23 -1.32
N ALA A 93 -16.25 14.65 -0.17
CA ALA A 93 -16.75 16.02 -0.03
C ALA A 93 -15.61 17.02 -0.22
N ALA A 94 -14.41 16.61 0.14
CA ALA A 94 -13.23 17.45 0.01
C ALA A 94 -12.61 17.41 -1.39
N GLY A 95 -13.13 16.59 -2.29
CA GLY A 95 -12.63 16.52 -3.67
C GLY A 95 -11.44 15.60 -3.89
N SER A 96 -11.06 14.83 -2.88
CA SER A 96 -10.01 13.85 -3.04
C SER A 96 -10.65 12.50 -3.40
N VAL A 97 -9.88 11.60 -3.98
CA VAL A 97 -10.36 10.26 -4.27
C VAL A 97 -10.02 9.34 -3.10
N PRO A 98 -11.03 8.66 -2.53
CA PRO A 98 -10.76 7.74 -1.42
C PRO A 98 -10.32 6.37 -1.90
N GLY A 99 -9.15 5.96 -1.43
CA GLY A 99 -8.65 4.63 -1.65
C GLY A 99 -8.42 3.89 -0.35
N ILE A 100 -8.17 2.59 -0.43
CA ILE A 100 -7.85 1.81 0.75
C ILE A 100 -6.88 0.71 0.38
N GLN A 101 -5.92 0.48 1.27
CA GLN A 101 -4.99 -0.64 1.13
C GLN A 101 -5.50 -1.78 2.00
N ILE A 102 -5.79 -2.94 1.39
CA ILE A 102 -6.23 -4.11 2.15
C ILE A 102 -5.06 -5.07 2.30
N ALA A 103 -4.94 -5.69 3.47
CA ALA A 103 -3.67 -6.20 3.91
C ALA A 103 -3.80 -7.45 4.77
N HIS A 104 -2.69 -8.17 4.86
CA HIS A 104 -2.54 -9.26 5.81
C HIS A 104 -1.06 -9.34 6.19
N ALA A 105 -0.76 -9.12 7.47
CA ALA A 105 0.62 -8.94 7.92
C ALA A 105 1.45 -10.24 8.00
N GLY A 106 0.81 -11.40 7.86
CA GLY A 106 1.61 -12.60 7.82
C GLY A 106 2.50 -12.78 9.03
N ARG A 107 3.77 -13.12 8.82
CA ARG A 107 4.64 -13.41 9.94
C ARG A 107 5.03 -12.16 10.75
N LYS A 108 4.77 -10.98 10.20
CA LYS A 108 5.09 -9.74 10.90
C LYS A 108 3.90 -9.22 11.74
N ALA A 109 2.85 -10.03 11.85
CA ALA A 109 1.68 -9.69 12.65
C ALA A 109 1.94 -9.89 14.14
N SER A 110 0.97 -9.48 14.95
CA SER A 110 1.02 -9.64 16.40
C SER A 110 2.23 -8.91 17.01
N ALA A 111 2.40 -7.66 16.57
CA ALA A 111 3.49 -6.81 17.00
C ALA A 111 2.96 -5.65 17.82
N ASN A 112 3.82 -5.09 18.67
CA ASN A 112 3.51 -3.86 19.36
C ASN A 112 3.48 -2.67 18.42
N ARG A 113 2.73 -1.65 18.84
CA ARG A 113 2.80 -0.37 18.15
C ARG A 113 4.25 0.13 18.11
N PRO A 114 4.60 0.91 17.08
CA PRO A 114 6.01 1.32 16.93
C PRO A 114 6.56 2.13 18.10
N TRP A 115 5.73 2.90 18.79
CA TRP A 115 6.16 3.66 19.95
C TRP A 115 5.94 2.90 21.27
N GLU A 116 5.57 1.62 21.16
CA GLU A 116 5.37 0.75 22.31
C GLU A 116 6.22 -0.52 22.17
N GLY A 117 7.37 -0.38 21.51
CA GLY A 117 8.35 -1.45 21.44
C GLY A 117 8.64 -1.93 20.02
N ASP A 118 7.63 -1.85 19.16
CA ASP A 118 7.78 -2.18 17.73
C ASP A 118 8.14 -3.65 17.48
N ASP A 119 7.99 -4.50 18.50
CA ASP A 119 8.47 -5.87 18.46
C ASP A 119 7.34 -6.87 18.64
N HIS A 120 7.60 -8.15 18.39
CA HIS A 120 6.54 -9.13 18.59
C HIS A 120 6.05 -9.10 20.02
N ILE A 121 4.74 -9.17 20.16
CA ILE A 121 4.09 -9.18 21.46
C ILE A 121 4.48 -10.43 22.24
N ALA A 122 4.73 -10.27 23.54
CA ALA A 122 5.11 -11.37 24.41
C ALA A 122 4.04 -12.45 24.45
N ALA A 123 4.47 -13.69 24.64
CA ALA A 123 3.57 -14.83 24.53
C ALA A 123 2.43 -14.80 25.54
N ASP A 124 2.68 -14.18 26.69
CA ASP A 124 1.69 -14.14 27.78
C ASP A 124 0.91 -12.83 27.85
N ASP A 125 1.09 -11.97 26.86
CA ASP A 125 0.33 -10.73 26.75
C ASP A 125 -1.01 -11.08 26.09
N THR A 126 -2.11 -10.74 26.75
CA THR A 126 -3.42 -11.13 26.27
C THR A 126 -3.82 -10.50 24.96
N ARG A 127 -3.05 -9.55 24.45
CA ARG A 127 -3.39 -8.91 23.20
C ARG A 127 -2.89 -9.70 21.99
N GLY A 128 -1.95 -10.63 22.18
CA GLY A 128 -1.24 -11.25 21.06
C GLY A 128 -1.94 -12.44 20.44
N TRP A 129 -1.41 -12.89 19.30
CA TRP A 129 -2.02 -13.99 18.59
C TRP A 129 -1.00 -14.73 17.73
N GLU A 130 -1.37 -15.94 17.34
CA GLU A 130 -0.52 -16.73 16.47
C GLU A 130 -0.54 -16.16 15.07
N THR A 131 0.64 -16.08 14.49
CA THR A 131 0.80 -15.58 13.14
C THR A 131 0.81 -16.74 12.14
N ILE A 132 0.48 -16.43 10.89
CA ILE A 132 0.49 -17.42 9.80
C ILE A 132 1.35 -16.93 8.64
N ALA A 133 1.88 -17.89 7.87
CA ALA A 133 2.83 -17.58 6.82
C ALA A 133 2.97 -18.76 5.87
N PRO A 134 3.63 -18.56 4.73
CA PRO A 134 3.85 -19.68 3.82
CA PRO A 134 3.78 -19.72 3.84
C PRO A 134 4.60 -20.85 4.47
N SER A 135 5.58 -20.51 5.30
CA SER A 135 6.47 -21.49 5.92
C SER A 135 6.74 -21.05 7.36
N ALA A 136 7.02 -22.04 8.21
CA ALA A 136 7.29 -21.80 9.62
C ALA A 136 8.73 -21.35 9.85
N ILE A 137 8.97 -20.10 9.49
CA ILE A 137 10.30 -19.46 9.56
CA ILE A 137 10.28 -19.49 9.64
C ILE A 137 10.08 -18.05 10.10
N ALA A 138 10.79 -17.69 11.17
CA ALA A 138 10.71 -16.34 11.71
C ALA A 138 11.46 -15.31 10.87
N PHE A 139 10.95 -14.09 10.87
CA PHE A 139 11.66 -12.93 10.32
C PHE A 139 13.01 -12.75 11.01
N GLY A 140 13.00 -12.83 12.34
CA GLY A 140 14.19 -12.63 13.14
C GLY A 140 14.20 -11.25 13.77
N ALA A 141 15.38 -10.86 14.26
CA ALA A 141 15.54 -9.56 14.88
C ALA A 141 14.44 -9.31 15.92
N HIS A 142 13.71 -8.20 15.78
CA HIS A 142 12.67 -7.82 16.73
C HIS A 142 11.33 -8.52 16.50
N LEU A 143 11.29 -9.38 15.49
CA LEU A 143 10.12 -10.19 15.16
C LEU A 143 10.51 -11.68 15.17
N PRO A 144 10.83 -12.21 16.36
CA PRO A 144 11.32 -13.58 16.46
C PRO A 144 10.27 -14.70 16.42
N LYS A 145 8.98 -14.37 16.48
N LYS A 145 8.99 -14.36 16.46
CA LYS A 145 8.00 -15.44 16.54
CA LYS A 145 7.93 -15.37 16.54
C LYS A 145 8.01 -16.27 15.27
C LYS A 145 7.87 -16.25 15.27
N VAL A 146 7.91 -17.56 15.45
CA VAL A 146 7.84 -18.47 14.32
C VAL A 146 6.36 -18.60 13.93
N PRO A 147 6.00 -18.24 12.70
CA PRO A 147 4.59 -18.36 12.28
C PRO A 147 4.19 -19.82 12.04
N ARG A 148 2.89 -20.06 12.05
CA ARG A 148 2.33 -21.34 11.64
C ARG A 148 2.30 -21.43 10.12
N GLU A 149 2.76 -22.56 9.59
CA GLU A 149 2.69 -22.84 8.16
CA GLU A 149 2.69 -22.83 8.16
C GLU A 149 1.24 -23.02 7.72
N MET A 150 0.82 -22.25 6.73
CA MET A 150 -0.55 -22.31 6.24
C MET A 150 -0.87 -23.63 5.54
N THR A 151 -2.07 -24.13 5.80
CA THR A 151 -2.64 -25.24 5.03
C THR A 151 -3.25 -24.71 3.72
N LEU A 152 -3.59 -25.62 2.83
CA LEU A 152 -4.28 -25.22 1.62
C LEU A 152 -5.62 -24.57 1.97
N ASP A 153 -6.31 -25.06 2.99
CA ASP A 153 -7.56 -24.47 3.41
CA ASP A 153 -7.55 -24.45 3.38
C ASP A 153 -7.31 -23.05 3.93
N ASP A 154 -6.20 -22.83 4.64
CA ASP A 154 -5.86 -21.47 5.10
C ASP A 154 -5.66 -20.53 3.89
N ILE A 155 -4.98 -21.03 2.87
CA ILE A 155 -4.76 -20.23 1.66
C ILE A 155 -6.11 -19.86 1.01
N ALA A 156 -6.99 -20.84 0.88
CA ALA A 156 -8.33 -20.58 0.36
C ALA A 156 -9.06 -19.55 1.20
N ARG A 157 -8.97 -19.69 2.51
CA ARG A 157 -9.67 -18.79 3.42
CA ARG A 157 -9.67 -18.79 3.42
C ARG A 157 -9.14 -17.37 3.34
N VAL A 158 -7.82 -17.21 3.31
CA VAL A 158 -7.26 -15.86 3.22
C VAL A 158 -7.60 -15.22 1.87
N LYS A 159 -7.55 -15.98 0.78
CA LYS A 159 -7.96 -15.41 -0.49
C LYS A 159 -9.39 -14.91 -0.38
N GLN A 160 -10.27 -15.73 0.20
CA GLN A 160 -11.66 -15.29 0.33
C GLN A 160 -11.79 -14.07 1.23
N ASP A 161 -10.95 -13.96 2.26
CA ASP A 161 -10.96 -12.77 3.10
C ASP A 161 -10.58 -11.52 2.29
N PHE A 162 -9.62 -11.65 1.36
CA PHE A 162 -9.30 -10.53 0.47
C PHE A 162 -10.49 -10.17 -0.41
N VAL A 163 -11.16 -11.19 -0.95
CA VAL A 163 -12.35 -10.92 -1.75
C VAL A 163 -13.41 -10.18 -0.94
N ASP A 164 -13.71 -10.68 0.26
CA ASP A 164 -14.74 -10.09 1.10
C ASP A 164 -14.34 -8.64 1.44
N ALA A 165 -13.05 -8.42 1.72
CA ALA A 165 -12.56 -7.08 2.03
C ALA A 165 -12.74 -6.15 0.86
N ALA A 166 -12.47 -6.62 -0.34
CA ALA A 166 -12.63 -5.79 -1.54
C ALA A 166 -14.09 -5.47 -1.79
N ARG A 167 -14.97 -6.47 -1.60
CA ARG A 167 -16.40 -6.26 -1.76
CA ARG A 167 -16.39 -6.27 -1.76
C ARG A 167 -16.88 -5.22 -0.76
N ARG A 168 -16.41 -5.33 0.48
CA ARG A 168 -16.80 -4.37 1.49
C ARG A 168 -16.25 -2.98 1.17
N ALA A 169 -15.02 -2.89 0.70
CA ALA A 169 -14.46 -1.60 0.33
C ALA A 169 -15.28 -0.95 -0.78
N ARG A 170 -15.66 -1.75 -1.77
CA ARG A 170 -16.49 -1.29 -2.86
C ARG A 170 -17.80 -0.71 -2.31
N ASP A 171 -18.46 -1.48 -1.46
CA ASP A 171 -19.77 -1.09 -0.95
C ASP A 171 -19.70 0.05 0.06
N ALA A 172 -18.53 0.31 0.65
CA ALA A 172 -18.33 1.47 1.52
C ALA A 172 -18.08 2.74 0.72
N GLY A 173 -17.88 2.61 -0.59
CA GLY A 173 -17.72 3.74 -1.49
C GLY A 173 -16.29 4.09 -1.90
N PHE A 174 -15.33 3.25 -1.55
CA PHE A 174 -13.96 3.49 -2.01
C PHE A 174 -13.91 3.43 -3.54
N GLU A 175 -13.06 4.26 -4.13
CA GLU A 175 -12.94 4.37 -5.58
C GLU A 175 -11.60 3.87 -6.10
N TRP A 176 -10.80 3.27 -5.23
CA TRP A 176 -9.43 2.90 -5.53
C TRP A 176 -9.06 1.87 -4.48
N ILE A 177 -8.52 0.72 -4.92
CA ILE A 177 -8.09 -0.30 -3.96
C ILE A 177 -6.64 -0.67 -4.22
N GLU A 178 -5.92 -0.97 -3.15
CA GLU A 178 -4.52 -1.39 -3.23
C GLU A 178 -4.35 -2.68 -2.44
N LEU A 179 -3.94 -3.74 -3.12
CA LEU A 179 -3.61 -4.99 -2.43
C LEU A 179 -2.19 -4.89 -1.86
N HIS A 180 -2.04 -5.16 -0.57
CA HIS A 180 -0.75 -5.00 0.09
C HIS A 180 0.09 -6.25 -0.05
N PHE A 181 0.83 -6.31 -1.16
CA PHE A 181 1.73 -7.42 -1.44
C PHE A 181 3.19 -7.01 -1.22
N ALA A 182 3.42 -6.04 -0.33
CA ALA A 182 4.76 -5.54 -0.07
C ALA A 182 5.19 -5.70 1.40
N HIS A 183 6.41 -5.26 1.68
CA HIS A 183 6.87 -4.96 3.04
C HIS A 183 6.92 -6.17 3.95
N GLY A 184 7.09 -7.34 3.34
CA GLY A 184 7.40 -8.54 4.09
C GLY A 184 6.21 -9.21 4.71
N PHE A 185 5.04 -8.68 4.40
CA PHE A 185 3.78 -9.19 4.90
C PHE A 185 3.37 -10.42 4.08
N LEU A 186 2.14 -10.89 4.22
CA LEU A 186 1.82 -12.23 3.74
C LEU A 186 2.13 -12.40 2.26
N GLY A 187 1.60 -11.52 1.42
CA GLY A 187 1.82 -11.65 -0.02
C GLY A 187 3.30 -11.64 -0.40
N GLN A 188 4.03 -10.64 0.08
CA GLN A 188 5.45 -10.56 -0.22
C GLN A 188 6.14 -11.85 0.20
N SER A 189 5.75 -12.38 1.35
CA SER A 189 6.41 -13.57 1.87
C SER A 189 6.13 -14.83 1.07
N PHE A 190 4.99 -14.90 0.37
CA PHE A 190 4.78 -15.99 -0.58
C PHE A 190 5.71 -15.85 -1.77
N PHE A 191 5.96 -14.62 -2.23
CA PHE A 191 6.80 -14.46 -3.41
C PHE A 191 8.26 -14.76 -3.14
N SER A 192 8.77 -14.38 -1.98
CA SER A 192 10.19 -14.47 -1.70
C SER A 192 10.66 -15.87 -1.32
N GLU A 193 11.74 -16.31 -1.94
CA GLU A 193 12.37 -17.57 -1.58
C GLU A 193 12.94 -17.55 -0.17
N HIS A 194 13.22 -16.37 0.40
CA HIS A 194 13.70 -16.31 1.77
C HIS A 194 12.70 -16.88 2.76
N SER A 195 11.42 -16.59 2.51
CA SER A 195 10.35 -16.90 3.45
C SER A 195 9.46 -18.05 3.02
N ASN A 196 9.47 -18.38 1.74
CA ASN A 196 8.62 -19.43 1.20
C ASN A 196 9.46 -20.63 0.85
N LYS A 197 9.36 -21.68 1.66
CA LYS A 197 10.06 -22.94 1.43
C LYS A 197 9.06 -24.06 1.11
N ARG A 198 7.85 -23.70 0.70
CA ARG A 198 6.83 -24.71 0.44
C ARG A 198 7.20 -25.58 -0.75
N THR A 199 6.68 -26.80 -0.76
CA THR A 199 6.94 -27.73 -1.85
C THR A 199 5.64 -28.20 -2.51
N ASP A 200 4.56 -27.49 -2.23
CA ASP A 200 3.28 -27.72 -2.89
C ASP A 200 3.11 -26.69 -4.02
N ALA A 201 1.89 -26.50 -4.50
CA ALA A 201 1.64 -25.61 -5.63
C ALA A 201 1.96 -24.15 -5.33
N TYR A 202 2.18 -23.83 -4.06
CA TYR A 202 2.41 -22.45 -3.66
C TYR A 202 3.85 -22.11 -3.30
N GLY A 203 4.79 -23.02 -3.55
CA GLY A 203 6.20 -22.68 -3.44
C GLY A 203 7.08 -23.44 -4.40
N GLY A 204 8.34 -23.07 -4.56
N GLY A 204 8.35 -23.03 -4.39
CA GLY A 204 9.30 -23.92 -5.30
CA GLY A 204 9.38 -23.55 -5.26
C GLY A 204 9.64 -23.71 -6.79
C GLY A 204 9.61 -22.62 -6.44
N SER A 205 8.87 -22.89 -7.49
CA SER A 205 9.18 -22.28 -8.77
C SER A 205 8.63 -20.84 -8.73
N PHE A 206 9.04 -20.03 -9.71
CA PHE A 206 8.48 -18.69 -9.88
C PHE A 206 6.96 -18.73 -10.01
N ASP A 207 6.45 -19.63 -10.83
CA ASP A 207 4.99 -19.72 -10.99
C ASP A 207 4.32 -20.06 -9.67
N ASN A 208 4.91 -20.97 -8.91
CA ASN A 208 4.30 -21.39 -7.66
C ASN A 208 4.37 -20.29 -6.59
N ARG A 209 5.50 -19.60 -6.51
CA ARG A 209 5.64 -18.50 -5.57
C ARG A 209 4.72 -17.34 -5.92
N SER A 210 4.50 -17.13 -7.22
N SER A 210 4.46 -17.18 -7.22
CA SER A 210 3.59 -16.08 -7.68
CA SER A 210 3.62 -16.09 -7.70
C SER A 210 2.12 -16.40 -7.46
C SER A 210 2.13 -16.46 -7.71
N ARG A 211 1.81 -17.68 -7.29
CA ARG A 211 0.44 -18.18 -7.37
C ARG A 211 -0.50 -17.52 -6.36
N PHE A 212 -0.07 -17.42 -5.10
CA PHE A 212 -0.96 -16.80 -4.10
C PHE A 212 -1.34 -15.38 -4.53
N LEU A 213 -0.36 -14.64 -5.03
CA LEU A 213 -0.56 -13.23 -5.37
C LEU A 213 -1.48 -13.11 -6.59
N LEU A 214 -1.21 -13.92 -7.61
CA LEU A 214 -2.02 -13.90 -8.82
C LEU A 214 -3.44 -14.41 -8.58
N GLU A 215 -3.58 -15.47 -7.80
CA GLU A 215 -4.92 -15.97 -7.48
C GLU A 215 -5.71 -14.97 -6.66
N THR A 216 -5.05 -14.29 -5.73
CA THR A 216 -5.73 -13.30 -4.92
C THR A 216 -6.16 -12.12 -5.78
N LEU A 217 -5.28 -11.65 -6.66
CA LEU A 217 -5.66 -10.59 -7.59
C LEU A 217 -6.87 -10.99 -8.42
N ALA A 218 -6.85 -12.20 -8.98
CA ALA A 218 -7.94 -12.64 -9.84
C ALA A 218 -9.25 -12.76 -9.06
N ALA A 219 -9.16 -13.25 -7.82
CA ALA A 219 -10.35 -13.41 -7.00
C ALA A 219 -10.97 -12.04 -6.64
N VAL A 220 -10.12 -11.09 -6.30
CA VAL A 220 -10.54 -9.72 -6.01
C VAL A 220 -11.17 -9.09 -7.24
N ARG A 221 -10.58 -9.33 -8.40
CA ARG A 221 -11.08 -8.76 -9.63
C ARG A 221 -12.53 -9.15 -9.89
N GLU A 222 -12.97 -10.32 -9.40
CA GLU A 222 -14.34 -10.76 -9.58
C GLU A 222 -15.36 -9.90 -8.87
N VAL A 223 -14.97 -9.21 -7.81
CA VAL A 223 -15.93 -8.37 -7.07
C VAL A 223 -15.62 -6.86 -7.19
N TRP A 224 -14.41 -6.49 -7.61
CA TRP A 224 -14.02 -5.10 -7.67
C TRP A 224 -14.41 -4.53 -9.04
N PRO A 225 -15.13 -3.40 -9.09
CA PRO A 225 -15.61 -2.89 -10.39
C PRO A 225 -14.51 -2.62 -11.40
N GLU A 226 -14.76 -3.02 -12.64
N GLU A 226 -14.77 -2.98 -12.65
CA GLU A 226 -13.86 -2.77 -13.75
CA GLU A 226 -13.80 -2.78 -13.71
C GLU A 226 -13.46 -1.30 -13.81
C GLU A 226 -13.51 -1.30 -13.97
N ASN A 227 -14.43 -0.42 -13.56
CA ASN A 227 -14.27 1.01 -13.80
C ASN A 227 -13.57 1.78 -12.69
N LEU A 228 -13.11 1.07 -11.65
CA LEU A 228 -12.36 1.68 -10.55
C LEU A 228 -10.95 1.09 -10.50
N PRO A 229 -9.92 1.93 -10.33
CA PRO A 229 -8.55 1.39 -10.29
C PRO A 229 -8.35 0.26 -9.28
N LEU A 230 -7.72 -0.78 -9.80
CA LEU A 230 -7.31 -1.97 -9.09
C LEU A 230 -5.78 -1.95 -9.05
N THR A 231 -5.22 -1.78 -7.88
CA THR A 231 -3.79 -1.57 -7.76
C THR A 231 -3.21 -2.50 -6.70
N ALA A 232 -1.89 -2.52 -6.63
CA ALA A 232 -1.19 -3.29 -5.63
C ALA A 232 0.10 -2.61 -5.26
N ARG A 233 0.59 -2.89 -4.06
CA ARG A 233 1.92 -2.49 -3.63
C ARG A 233 2.76 -3.75 -3.58
N PHE A 234 3.97 -3.70 -4.12
CA PHE A 234 4.82 -4.88 -4.21
C PHE A 234 6.27 -4.48 -4.07
N GLY A 235 7.01 -5.21 -3.24
CA GLY A 235 8.44 -4.98 -3.08
C GLY A 235 9.21 -5.67 -4.19
N VAL A 236 9.87 -4.91 -5.04
CA VAL A 236 10.45 -5.47 -6.27
C VAL A 236 11.92 -5.88 -6.12
N LEU A 237 12.54 -5.50 -5.02
CA LEU A 237 13.88 -5.99 -4.67
C LEU A 237 14.03 -5.89 -3.16
N GLU A 238 15.05 -6.57 -2.62
CA GLU A 238 15.29 -6.66 -1.18
C GLU A 238 16.55 -5.95 -0.71
N TYR A 239 17.47 -5.63 -1.62
CA TYR A 239 18.80 -5.15 -1.24
C TYR A 239 19.51 -6.20 -0.38
N ASP A 240 19.44 -7.44 -0.86
CA ASP A 240 19.95 -8.63 -0.18
C ASP A 240 21.05 -9.32 -0.96
N GLY A 241 21.69 -8.62 -1.88
CA GLY A 241 22.73 -9.22 -2.72
C GLY A 241 22.23 -10.07 -3.87
N ARG A 242 20.91 -10.12 -4.06
N ARG A 242 20.91 -10.09 -4.07
CA ARG A 242 20.31 -10.85 -5.19
CA ARG A 242 20.26 -10.85 -5.13
C ARG A 242 19.40 -9.92 -5.98
C ARG A 242 19.44 -9.94 -6.04
N ASP A 243 19.82 -8.66 -6.12
CA ASP A 243 18.93 -7.65 -6.69
C ASP A 243 18.60 -7.80 -8.18
N GLU A 244 19.59 -8.12 -8.99
N GLU A 244 19.58 -8.09 -9.02
CA GLU A 244 19.35 -8.24 -10.44
CA GLU A 244 19.24 -8.18 -10.43
C GLU A 244 18.37 -9.37 -10.75
C GLU A 244 18.29 -9.36 -10.68
N GLN A 245 18.56 -10.53 -10.12
CA GLN A 245 17.68 -11.67 -10.34
C GLN A 245 16.29 -11.40 -9.75
N THR A 246 16.24 -10.76 -8.59
CA THR A 246 14.97 -10.50 -7.93
C THR A 246 14.17 -9.46 -8.73
N LEU A 247 14.84 -8.42 -9.21
CA LEU A 247 14.15 -7.41 -9.98
CA LEU A 247 14.20 -7.41 -10.03
C LEU A 247 13.62 -8.00 -11.30
N GLU A 248 14.39 -8.90 -11.92
N GLU A 248 14.38 -8.89 -11.94
CA GLU A 248 13.91 -9.57 -13.13
CA GLU A 248 13.89 -9.57 -13.15
C GLU A 248 12.60 -10.31 -12.87
C GLU A 248 12.60 -10.35 -12.88
N GLU A 249 12.58 -11.10 -11.80
CA GLU A 249 11.38 -11.87 -11.44
C GLU A 249 10.23 -10.95 -11.08
N SER A 250 10.52 -9.88 -10.36
CA SER A 250 9.48 -8.95 -9.95
C SER A 250 8.84 -8.25 -11.13
N ILE A 251 9.66 -7.89 -12.11
CA ILE A 251 9.14 -7.29 -13.33
C ILE A 251 8.28 -8.28 -14.12
N GLU A 252 8.70 -9.55 -14.17
CA GLU A 252 7.86 -10.58 -14.78
C GLU A 252 6.52 -10.69 -14.06
N LEU A 253 6.54 -10.67 -12.73
CA LEU A 253 5.29 -10.71 -12.00
C LEU A 253 4.44 -9.47 -12.30
N ALA A 254 5.08 -8.30 -12.40
CA ALA A 254 4.34 -7.10 -12.74
C ALA A 254 3.65 -7.23 -14.10
N ARG A 255 4.30 -7.86 -15.08
CA ARG A 255 3.66 -8.11 -16.37
C ARG A 255 2.43 -9.00 -16.20
N ARG A 256 2.53 -10.01 -15.34
N ARG A 256 2.53 -10.02 -15.35
CA ARG A 256 1.38 -10.89 -15.09
CA ARG A 256 1.38 -10.87 -15.08
C ARG A 256 0.27 -10.18 -14.33
C ARG A 256 0.27 -10.06 -14.43
N PHE A 257 0.63 -9.24 -13.44
CA PHE A 257 -0.37 -8.41 -12.77
C PHE A 257 -1.11 -7.57 -13.81
N LYS A 258 -0.35 -6.91 -14.69
CA LYS A 258 -0.97 -6.09 -15.71
C LYS A 258 -1.93 -6.92 -16.57
N ALA A 259 -1.50 -8.09 -17.01
CA ALA A 259 -2.33 -8.96 -17.82
C ALA A 259 -3.59 -9.39 -17.07
N GLY A 260 -3.50 -9.43 -15.75
CA GLY A 260 -4.62 -9.79 -14.89
C GLY A 260 -5.45 -8.62 -14.40
N GLY A 261 -5.31 -7.47 -15.05
CA GLY A 261 -6.19 -6.36 -14.77
C GLY A 261 -5.68 -5.32 -13.79
N LEU A 262 -4.42 -5.40 -13.36
CA LEU A 262 -3.88 -4.38 -12.49
C LEU A 262 -3.69 -3.08 -13.26
N ASP A 263 -4.18 -1.98 -12.70
CA ASP A 263 -4.14 -0.70 -13.35
C ASP A 263 -2.91 0.13 -13.03
N LEU A 264 -2.32 -0.07 -11.86
CA LEU A 264 -1.17 0.71 -11.44
C LEU A 264 -0.47 -0.11 -10.36
N LEU A 265 0.85 -0.03 -10.32
CA LEU A 265 1.66 -0.69 -9.32
C LEU A 265 2.38 0.33 -8.43
N SER A 266 2.21 0.21 -7.13
CA SER A 266 3.01 0.97 -6.18
C SER A 266 4.29 0.17 -5.89
N VAL A 267 5.40 0.70 -6.36
CA VAL A 267 6.68 -0.01 -6.36
C VAL A 267 7.41 0.30 -5.07
N SER A 268 7.79 -0.76 -4.35
CA SER A 268 8.46 -0.59 -3.07
C SER A 268 9.60 -1.58 -2.92
N VAL A 269 10.08 -1.69 -1.68
CA VAL A 269 11.11 -2.63 -1.30
C VAL A 269 10.46 -3.77 -0.53
N GLY A 270 11.05 -4.95 -0.59
CA GLY A 270 10.43 -6.11 0.04
C GLY A 270 10.36 -6.12 1.56
N PHE A 271 11.44 -5.71 2.23
N PHE A 271 11.43 -5.70 2.24
CA PHE A 271 11.53 -5.83 3.67
CA PHE A 271 11.52 -5.80 3.69
C PHE A 271 11.13 -7.22 4.15
C PHE A 271 11.25 -7.22 4.21
N THR A 272 11.55 -8.24 3.41
CA THR A 272 11.16 -9.60 3.75
C THR A 272 11.97 -10.19 4.88
N ILE A 273 13.24 -9.82 4.92
CA ILE A 273 14.20 -10.28 5.91
C ILE A 273 14.97 -9.08 6.46
N PRO A 274 15.58 -9.22 7.64
CA PRO A 274 16.28 -8.07 8.24
C PRO A 274 17.69 -7.83 7.71
N ASP A 275 18.35 -8.84 7.16
N ASP A 275 18.34 -8.88 7.20
CA ASP A 275 19.77 -8.70 6.82
CA ASP A 275 19.73 -8.74 6.77
C ASP A 275 19.97 -8.15 5.41
C ASP A 275 19.78 -8.18 5.37
N THR A 276 19.73 -6.85 5.26
CA THR A 276 19.77 -6.18 3.98
C THR A 276 20.55 -4.88 4.11
N ASN A 277 20.80 -4.23 2.98
CA ASN A 277 21.53 -2.96 2.95
CA ASN A 277 21.53 -2.97 2.94
C ASN A 277 20.82 -2.00 2.01
N ILE A 278 19.79 -1.36 2.54
CA ILE A 278 18.92 -0.51 1.74
C ILE A 278 19.54 0.88 1.67
N PRO A 279 19.75 1.41 0.44
CA PRO A 279 20.44 2.69 0.27
C PRO A 279 19.49 3.87 0.36
N TRP A 280 18.97 4.09 1.56
CA TRP A 280 18.01 5.15 1.79
C TRP A 280 18.55 6.48 1.30
N GLY A 281 17.68 7.24 0.64
CA GLY A 281 18.03 8.58 0.20
C GLY A 281 16.84 9.20 -0.48
N PRO A 282 16.88 10.51 -0.71
CA PRO A 282 15.72 11.17 -1.30
C PRO A 282 15.37 10.61 -2.66
N ALA A 283 14.13 10.17 -2.85
CA ALA A 283 13.70 9.62 -4.13
C ALA A 283 14.54 8.43 -4.60
N PHE A 284 15.12 7.68 -3.68
CA PHE A 284 16.03 6.62 -4.08
C PHE A 284 15.38 5.56 -4.95
N MET A 285 14.07 5.36 -4.83
CA MET A 285 13.36 4.37 -5.62
C MET A 285 13.01 4.83 -7.03
N GLY A 286 13.23 6.10 -7.36
CA GLY A 286 12.85 6.61 -8.66
C GLY A 286 13.33 5.77 -9.84
N PRO A 287 14.64 5.46 -9.88
CA PRO A 287 15.14 4.69 -11.04
C PRO A 287 14.57 3.28 -11.12
N ILE A 288 14.37 2.67 -9.95
N ILE A 288 14.35 2.63 -9.99
CA ILE A 288 13.74 1.36 -9.84
CA ILE A 288 13.79 1.28 -10.06
C ILE A 288 12.34 1.39 -10.44
C ILE A 288 12.30 1.34 -10.45
N ALA A 289 11.55 2.33 -9.94
CA ALA A 289 10.17 2.49 -10.38
C ALA A 289 10.11 2.74 -11.89
N GLU A 290 11.05 3.53 -12.40
N GLU A 290 11.03 3.54 -12.40
CA GLU A 290 11.08 3.83 -13.82
CA GLU A 290 11.05 3.81 -13.83
C GLU A 290 11.32 2.56 -14.65
C GLU A 290 11.29 2.53 -14.63
N ARG A 291 12.21 1.70 -14.16
CA ARG A 291 12.51 0.46 -14.85
C ARG A 291 11.28 -0.44 -14.89
N VAL A 292 10.58 -0.57 -13.77
CA VAL A 292 9.37 -1.37 -13.73
C VAL A 292 8.32 -0.81 -14.68
N ARG A 293 8.13 0.50 -14.63
CA ARG A 293 7.18 1.19 -15.48
C ARG A 293 7.44 0.87 -16.95
N ARG A 294 8.71 0.97 -17.34
CA ARG A 294 9.10 0.77 -18.73
C ARG A 294 9.05 -0.69 -19.16
N GLU A 295 9.57 -1.59 -18.32
CA GLU A 295 9.70 -3.01 -18.71
C GLU A 295 8.44 -3.81 -18.52
N ALA A 296 7.53 -3.33 -17.65
CA ALA A 296 6.22 -3.97 -17.52
C ALA A 296 5.10 -3.18 -18.19
N LYS A 297 5.42 -1.97 -18.65
CA LYS A 297 4.49 -1.10 -19.36
C LYS A 297 3.22 -0.86 -18.55
N LEU A 298 3.43 -0.43 -17.31
CA LEU A 298 2.40 -0.29 -16.35
C LEU A 298 2.60 1.02 -15.59
N PRO A 299 1.53 1.79 -15.33
CA PRO A 299 1.72 2.99 -14.50
C PRO A 299 2.23 2.62 -13.12
N VAL A 300 2.98 3.53 -12.52
CA VAL A 300 3.53 3.28 -11.21
C VAL A 300 3.48 4.50 -10.30
N THR A 301 3.54 4.22 -9.02
CA THR A 301 3.92 5.22 -8.04
C THR A 301 5.05 4.66 -7.18
N SER A 302 5.69 5.54 -6.43
CA SER A 302 6.64 5.14 -5.43
C SER A 302 6.73 6.23 -4.38
N ALA A 303 7.51 5.96 -3.35
CA ALA A 303 7.60 6.80 -2.18
C ALA A 303 9.02 6.73 -1.62
N TRP A 304 9.27 7.66 -0.70
CA TRP A 304 10.42 7.82 0.17
C TRP A 304 11.17 9.08 -0.23
N GLY A 305 10.91 10.15 0.51
CA GLY A 305 11.60 11.40 0.31
C GLY A 305 11.03 12.34 -0.74
N PHE A 306 9.82 12.12 -1.24
CA PHE A 306 9.26 13.03 -2.25
C PHE A 306 8.56 14.27 -1.68
N GLY A 307 8.67 14.49 -0.37
CA GLY A 307 8.16 15.69 0.26
C GLY A 307 8.89 16.97 -0.13
N THR A 308 9.96 16.86 -0.91
CA THR A 308 10.59 18.03 -1.48
C THR A 308 9.90 18.28 -2.82
N PRO A 309 9.13 19.38 -2.95
CA PRO A 309 8.29 19.51 -4.15
C PRO A 309 9.04 19.42 -5.49
N GLN A 310 10.24 19.98 -5.55
CA GLN A 310 10.99 19.96 -6.80
C GLN A 310 11.41 18.55 -7.20
N LEU A 311 11.59 17.69 -6.22
CA LEU A 311 11.96 16.32 -6.47
C LEU A 311 10.75 15.51 -7.00
N ALA A 312 9.58 15.76 -6.42
CA ALA A 312 8.35 15.19 -6.95
C ALA A 312 8.13 15.59 -8.41
N GLU A 313 8.30 16.88 -8.68
CA GLU A 313 8.15 17.42 -10.03
C GLU A 313 9.14 16.77 -11.00
N ALA A 314 10.40 16.65 -10.59
CA ALA A 314 11.43 16.06 -11.43
C ALA A 314 11.11 14.61 -11.77
N ALA A 315 10.62 13.85 -10.80
CA ALA A 315 10.33 12.45 -11.02
C ALA A 315 9.21 12.30 -12.07
N LEU A 316 8.20 13.15 -11.98
CA LEU A 316 7.12 13.12 -12.96
C LEU A 316 7.58 13.54 -14.35
N GLN A 317 8.35 14.61 -14.42
CA GLN A 317 8.80 15.11 -15.72
C GLN A 317 9.73 14.10 -16.40
N ALA A 318 10.47 13.32 -15.62
CA ALA A 318 11.34 12.26 -16.14
C ALA A 318 10.57 10.98 -16.47
N ASN A 319 9.27 10.97 -16.22
CA ASN A 319 8.46 9.78 -16.45
C ASN A 319 8.99 8.58 -15.67
N GLN A 320 9.48 8.83 -14.46
CA GLN A 320 9.81 7.76 -13.53
C GLN A 320 8.56 7.20 -12.88
N LEU A 321 7.57 8.07 -12.72
CA LEU A 321 6.35 7.79 -11.95
C LEU A 321 5.19 8.45 -12.65
N ASP A 322 3.99 7.95 -12.36
CA ASP A 322 2.74 8.57 -12.79
C ASP A 322 2.08 9.39 -11.67
N LEU A 323 2.24 8.91 -10.44
CA LEU A 323 1.80 9.61 -9.23
C LEU A 323 2.96 9.62 -8.28
N VAL A 324 3.05 10.69 -7.49
CA VAL A 324 4.09 10.77 -6.47
C VAL A 324 3.44 10.56 -5.11
N SER A 325 3.92 9.57 -4.36
CA SER A 325 3.38 9.30 -3.03
C SER A 325 4.22 10.07 -1.99
N VAL A 326 3.53 10.84 -1.16
CA VAL A 326 4.13 11.72 -0.17
C VAL A 326 3.49 11.41 1.19
N GLY A 327 4.25 10.75 2.05
CA GLY A 327 3.76 10.24 3.32
C GLY A 327 4.05 11.14 4.52
N ARG A 328 5.26 11.03 5.07
CA ARG A 328 5.59 11.73 6.31
C ARG A 328 5.40 13.24 6.23
N ALA A 329 5.64 13.84 5.06
CA ALA A 329 5.45 15.27 4.95
C ALA A 329 4.00 15.67 5.24
N HIS A 330 3.05 14.76 4.97
CA HIS A 330 1.64 14.99 5.28
C HIS A 330 1.28 14.79 6.74
N LEU A 331 2.06 14.00 7.47
CA LEU A 331 1.91 13.95 8.91
C LEU A 331 2.41 15.26 9.53
N ALA A 332 3.52 15.78 9.02
CA ALA A 332 4.04 17.06 9.47
C ALA A 332 3.09 18.21 9.15
N ASP A 333 2.55 18.23 7.93
CA ASP A 333 1.69 19.31 7.45
C ASP A 333 0.61 18.71 6.59
N PRO A 334 -0.62 18.61 7.11
CA PRO A 334 -1.62 17.96 6.24
CA PRO A 334 -1.74 18.05 6.34
C PRO A 334 -2.00 18.78 5.01
N HIS A 335 -1.53 20.03 4.95
CA HIS A 335 -1.70 20.89 3.78
C HIS A 335 -0.44 20.94 2.91
N TRP A 336 0.33 19.86 2.92
CA TRP A 336 1.53 19.82 2.10
C TRP A 336 1.26 20.14 0.63
N ALA A 337 0.12 19.71 0.08
CA ALA A 337 -0.14 19.98 -1.32
C ALA A 337 -0.17 21.50 -1.61
N TYR A 338 -0.69 22.29 -0.67
CA TYR A 338 -0.66 23.73 -0.79
C TYR A 338 0.76 24.27 -0.75
N PHE A 339 1.55 23.78 0.21
CA PHE A 339 2.97 24.12 0.24
C PHE A 339 3.66 23.81 -1.08
N ALA A 340 3.39 22.63 -1.64
CA ALA A 340 4.02 22.24 -2.90
C ALA A 340 3.59 23.17 -4.05
N ALA A 341 2.31 23.51 -4.09
CA ALA A 341 1.82 24.42 -5.12
C ALA A 341 2.53 25.76 -5.05
N LYS A 342 2.73 26.29 -3.86
CA LYS A 342 3.46 27.54 -3.73
C LYS A 342 4.90 27.40 -4.17
N GLU A 343 5.56 26.33 -3.72
N GLU A 343 5.55 26.32 -3.76
CA GLU A 343 6.96 26.10 -4.06
CA GLU A 343 6.96 26.10 -4.02
C GLU A 343 7.16 26.07 -5.56
C GLU A 343 7.25 25.90 -5.52
N LEU A 344 6.26 25.38 -6.25
CA LEU A 344 6.41 25.16 -7.68
C LEU A 344 5.82 26.32 -8.50
N GLY A 345 5.29 27.33 -7.83
CA GLY A 345 4.86 28.54 -8.51
C GLY A 345 3.56 28.40 -9.27
N VAL A 346 2.71 27.50 -8.79
CA VAL A 346 1.42 27.25 -9.41
C VAL A 346 0.52 28.47 -9.24
N GLU A 347 -0.20 28.85 -10.28
CA GLU A 347 -1.13 29.97 -10.22
CA GLU A 347 -1.09 29.99 -10.18
C GLU A 347 -2.26 29.68 -9.22
N LYS A 348 -2.64 30.69 -8.46
N LYS A 348 -2.64 30.69 -8.44
CA LYS A 348 -3.69 30.57 -7.45
CA LYS A 348 -3.72 30.55 -7.45
C LYS A 348 -3.43 29.33 -6.59
C LYS A 348 -3.45 29.35 -6.55
N ALA A 349 -2.23 29.27 -6.04
CA ALA A 349 -1.80 28.14 -5.24
C ALA A 349 -2.70 27.91 -4.03
N SER A 350 -3.22 28.99 -3.43
CA SER A 350 -3.99 28.82 -2.21
C SER A 350 -5.29 28.07 -2.47
N TRP A 351 -5.77 28.09 -3.72
CA TRP A 351 -7.00 27.38 -4.08
C TRP A 351 -6.77 25.87 -4.28
N THR A 352 -5.58 25.38 -3.94
CA THR A 352 -5.42 23.97 -3.65
CA THR A 352 -5.39 23.99 -3.63
C THR A 352 -6.27 23.59 -2.43
N LEU A 353 -6.50 24.55 -1.55
CA LEU A 353 -7.31 24.38 -0.35
C LEU A 353 -8.74 24.84 -0.60
N PRO A 354 -9.68 24.43 0.26
CA PRO A 354 -11.07 24.90 0.13
C PRO A 354 -11.18 26.38 0.46
N ALA A 355 -12.27 26.99 0.01
CA ALA A 355 -12.49 28.43 0.14
C ALA A 355 -12.26 29.04 1.53
N PRO A 356 -12.75 28.40 2.62
CA PRO A 356 -12.57 29.00 3.95
C PRO A 356 -11.11 29.17 4.37
N TYR A 357 -10.19 28.50 3.67
CA TYR A 357 -8.76 28.71 3.84
C TYR A 357 -8.20 29.55 2.68
N ALA A 358 -8.50 29.12 1.46
CA ALA A 358 -7.90 29.69 0.25
C ALA A 358 -8.10 31.19 0.13
N HIS A 359 -9.27 31.69 0.49
CA HIS A 359 -9.57 33.10 0.31
C HIS A 359 -8.58 33.98 1.06
N TRP A 360 -8.12 33.52 2.21
CA TRP A 360 -7.32 34.33 3.14
C TRP A 360 -5.83 34.19 2.91
N LEU A 361 -5.45 33.24 2.07
CA LEU A 361 -4.04 32.91 1.86
C LEU A 361 -3.55 33.33 0.49
N GLU A 362 -4.42 33.92 -0.31
CA GLU A 362 -4.01 34.42 -1.62
C GLU A 362 -2.85 35.38 -1.47
N1 FMN B . 3.20 1.54 3.81
C2 FMN B . 2.23 0.67 3.47
O2 FMN B . 2.27 0.03 2.28
N3 FMN B . 1.08 0.50 4.29
C4 FMN B . 0.87 1.11 5.50
O4 FMN B . -0.22 1.09 6.11
C4A FMN B . 2.06 1.90 5.87
N5 FMN B . 1.91 2.50 7.15
C5A FMN B . 2.95 3.50 7.42
C6 FMN B . 2.68 4.28 8.58
C7 FMN B . 3.49 5.41 8.81
C7M FMN B . 3.26 6.30 10.02
C8 FMN B . 4.64 5.67 7.95
C8M FMN B . 5.56 6.82 8.15
C9 FMN B . 4.83 4.86 6.83
C9A FMN B . 3.91 3.83 6.54
N10 FMN B . 4.07 3.09 5.31
C10 FMN B . 3.05 2.15 5.00
C1' FMN B . 5.02 3.57 4.23
C2' FMN B . 4.58 4.89 3.59
O2' FMN B . 3.40 4.49 2.82
C3' FMN B . 5.67 5.47 2.66
O3' FMN B . 6.02 4.46 1.64
C4' FMN B . 6.96 5.80 3.44
O4' FMN B . 6.52 6.60 4.57
C5' FMN B . 7.94 6.63 2.57
O5' FMN B . 7.32 7.85 2.11
P FMN B . 7.67 9.27 2.80
O1P FMN B . 7.18 9.21 4.22
O2P FMN B . 9.23 9.37 2.75
O3P FMN B . 6.95 10.27 1.93
HN3 FMN B . 0.33 -0.13 3.94
H6 FMN B . 1.88 4.02 9.26
HM71 FMN B . 2.70 7.15 9.73
HM72 FMN B . 4.19 6.61 10.41
HM73 FMN B . 2.72 5.75 10.75
HM81 FMN B . 6.18 6.63 8.99
HM82 FMN B . 6.17 6.92 7.29
HM83 FMN B . 5.00 7.70 8.31
H9 FMN B . 5.68 5.02 6.18
H1'1 FMN B . 5.09 2.80 3.46
H1'2 FMN B . 6.02 3.70 4.67
H2' FMN B . 4.32 5.62 4.37
HO2' FMN B . 2.77 4.06 3.40
H3' FMN B . 5.28 6.37 2.18
HO3' FMN B . 5.22 4.17 1.19
H4' FMN B . 7.45 4.88 3.78
HO4' FMN B . 5.86 6.11 5.06
H5'1 FMN B . 8.26 6.03 1.71
H5'2 FMN B . 8.83 6.87 3.16
C1 COU C . 3.72 -0.85 6.26
C2 COU C . 2.92 -0.75 7.40
C3 COU C . 3.32 0.11 8.45
C4 COU C . 4.54 0.86 8.37
C5 COU C . 4.98 1.73 9.38
C6 COU C . 6.19 2.42 9.19
C7 COU C . 6.95 2.25 8.02
C8 COU C . 6.50 1.38 7.03
C9 COU C . 5.29 0.70 7.21
O1 COU C . 3.53 -1.54 5.21
O2 COU C . 4.89 -0.15 6.15
H2 COU C . 2.00 -1.30 7.47
H3 COU C . 2.70 0.20 9.33
H5 COU C . 4.42 1.87 10.29
H6 COU C . 6.55 3.07 9.96
H7 COU C . 7.88 2.78 7.90
H8 COU C . 7.07 1.26 6.12
S SO4 D . -4.17 -2.13 23.37
O1 SO4 D . -4.12 -1.74 24.77
O2 SO4 D . -4.89 -3.41 23.25
O3 SO4 D . -2.80 -2.28 22.88
O4 SO4 D . -4.88 -1.12 22.60
S SO4 E . -1.45 32.42 -4.53
O1 SO4 E . -2.54 33.27 -5.00
O2 SO4 E . -1.98 31.41 -3.63
O3 SO4 E . -0.80 31.86 -5.72
O4 SO4 E . -0.49 33.26 -3.82
S SO4 F . 0.81 -21.45 -13.76
O1 SO4 F . -0.56 -21.25 -13.27
O2 SO4 F . 1.38 -22.64 -13.13
O3 SO4 F . 0.81 -21.60 -15.21
O4 SO4 F . 1.61 -20.28 -13.40
#